data_7NWY
#
_entry.id   7NWY
#
_cell.length_a   103.480
_cell.length_b   103.480
_cell.length_c   132.500
_cell.angle_alpha   90.000
_cell.angle_beta   90.000
_cell.angle_gamma   120.000
#
_symmetry.space_group_name_H-M   'P 32 2 1'
#
loop_
_entity.id
_entity.type
_entity.pdbx_description
1 polymer 'Carbonic anhydrase'
2 non-polymer 'ZINC ION'
3 non-polymer 2-acetamido-2-deoxy-beta-D-glucopyranose
4 non-polymer GLYCEROL
5 non-polymer 4-{[(4-fluorophenyl)carbamoyl]amino}benzenesulfonamide
6 water water
#
_entity_poly.entity_id   1
_entity_poly.type   'polypeptide(L)'
_entity_poly.pdbx_seq_one_letter_code
;DAAQPARRANGSEWSYTNILTGPETWHEHYKNMCSGYYQSPIDLKTDISTLDLKLKTVIIYRNTSSTETTTIQNNGHSAE
VKFPRNTWFISFDGILDYKYEIIQMHFHWGNTDDRGSEHTIDGFRFPLEGHIVSFRRQMYSSPSEAIGRPGGLAVLGIMH
QIVESIKYEQTAFKAYNNFSGVLNSQFVPPNNSTIDDINLALLLSLLNPSRYFRYLGSLTTPPCTENVLWTVFIDPVLIT
REQINLFRNLPYGSNEKQTRMGDNFRPIQLLNPIDTLASRTLYRATARGGPEQKLISEEDLNSAVDHHHHHH
;
_entity_poly.pdbx_strand_id   AAA,BBB
#
loop_
_chem_comp.id
_chem_comp.type
_chem_comp.name
_chem_comp.formula
GOL non-polymer GLYCEROL 'C3 H8 O3'
NAG D-saccharide, beta linking 2-acetamido-2-deoxy-beta-D-glucopyranose 'C8 H15 N O6'
WWZ non-polymer 4-{[(4-fluorophenyl)carbamoyl]amino}benzenesulfonamide 'C13 H12 F N3 O3 S'
ZN non-polymer 'ZINC ION' 'Zn 2'
#
# COMPACT_ATOMS: atom_id res chain seq x y z
N GLU A 13 8.78 35.75 -13.84
CA GLU A 13 7.61 35.32 -13.00
C GLU A 13 6.91 34.09 -13.62
N TRP A 14 6.42 33.16 -12.78
CA TRP A 14 5.66 32.01 -13.31
C TRP A 14 4.46 31.73 -12.42
N SER A 15 3.49 31.03 -12.97
CA SER A 15 2.33 30.61 -12.19
C SER A 15 1.82 29.31 -12.75
N TYR A 16 0.80 28.75 -12.08
CA TYR A 16 0.01 27.64 -12.65
C TYR A 16 -1.22 28.16 -13.39
N THR A 17 -1.87 29.21 -12.89
CA THR A 17 -3.26 29.53 -13.30
C THR A 17 -3.36 30.86 -14.07
N ASN A 18 -2.31 31.65 -14.16
CA ASN A 18 -2.34 32.92 -14.94
C ASN A 18 -1.82 32.59 -16.32
N ILE A 19 -2.68 32.64 -17.34
CA ILE A 19 -2.38 32.12 -18.72
C ILE A 19 -1.15 32.85 -19.30
N LEU A 20 -0.82 34.04 -18.79
CA LEU A 20 0.33 34.88 -19.25
C LEU A 20 1.67 34.33 -18.74
N THR A 21 1.69 33.71 -17.56
CA THR A 21 2.93 33.19 -16.91
C THR A 21 2.81 31.67 -16.63
N GLY A 22 1.82 31.00 -17.20
CA GLY A 22 1.42 29.63 -16.84
C GLY A 22 2.28 28.59 -17.55
N PRO A 23 2.05 27.30 -17.27
CA PRO A 23 2.92 26.25 -17.79
C PRO A 23 3.18 26.22 -19.30
N GLU A 24 2.18 26.63 -20.11
CA GLU A 24 2.32 26.68 -21.59
C GLU A 24 3.39 27.69 -22.01
N THR A 25 3.77 28.61 -21.14
CA THR A 25 4.74 29.70 -21.45
C THR A 25 6.13 29.37 -20.94
N TRP A 26 6.29 28.40 -20.02
CA TRP A 26 7.59 28.15 -19.39
C TRP A 26 8.69 27.86 -20.43
N HIS A 27 8.38 27.15 -21.52
CA HIS A 27 9.34 26.77 -22.59
C HIS A 27 9.99 28.04 -23.19
N GLU A 28 9.26 29.15 -23.20
CA GLU A 28 9.69 30.47 -23.74
C GLU A 28 10.31 31.30 -22.60
N HIS A 29 9.70 31.37 -21.44
CA HIS A 29 10.23 32.25 -20.37
C HIS A 29 11.45 31.65 -19.67
N TYR A 30 11.61 30.34 -19.67
CA TYR A 30 12.71 29.61 -18.98
C TYR A 30 13.25 28.53 -19.94
N LYS A 31 13.81 28.91 -21.09
CA LYS A 31 14.15 27.93 -22.16
C LYS A 31 15.18 26.95 -21.56
N ASN A 32 16.01 27.47 -20.66
CA ASN A 32 16.94 26.68 -19.82
CA ASN A 32 16.96 26.72 -19.82
C ASN A 32 16.23 26.41 -18.50
N MET A 33 15.58 25.24 -18.35
CA MET A 33 15.62 24.09 -19.24
CA MET A 33 15.61 24.09 -19.25
C MET A 33 14.18 23.65 -19.58
N CYS A 34 13.19 24.52 -19.39
CA CYS A 34 11.78 24.14 -19.62
C CYS A 34 11.52 23.85 -21.10
N SER A 35 12.45 24.21 -22.00
CA SER A 35 12.36 23.85 -23.45
C SER A 35 13.02 22.50 -23.74
N GLY A 36 13.49 21.76 -22.75
CA GLY A 36 14.22 20.50 -22.98
C GLY A 36 13.37 19.31 -23.38
N TYR A 37 14.01 18.17 -23.59
CA TYR A 37 13.31 16.95 -24.04
C TYR A 37 13.46 15.86 -22.98
N TYR A 38 13.88 16.19 -21.75
CA TYR A 38 13.90 15.25 -20.61
C TYR A 38 13.09 15.87 -19.48
N GLN A 39 11.87 16.30 -19.80
CA GLN A 39 11.04 17.01 -18.81
C GLN A 39 10.14 16.04 -18.03
N SER A 40 9.64 16.57 -16.92
CA SER A 40 8.74 15.87 -15.98
C SER A 40 7.62 16.85 -15.66
N PRO A 41 6.43 16.34 -15.31
CA PRO A 41 6.13 14.91 -15.21
C PRO A 41 5.79 14.24 -16.53
N ILE A 42 5.67 12.93 -16.48
CA ILE A 42 5.30 12.07 -17.64
C ILE A 42 4.17 11.16 -17.23
N ASP A 43 3.53 10.56 -18.22
CA ASP A 43 2.59 9.44 -17.99
C ASP A 43 3.46 8.22 -17.75
N LEU A 44 3.28 7.59 -16.61
CA LEU A 44 3.99 6.37 -16.21
C LEU A 44 3.20 5.17 -16.75
N LYS A 45 3.70 4.57 -17.84
CA LYS A 45 2.96 3.56 -18.63
C LYS A 45 3.49 2.19 -18.25
N THR A 46 2.68 1.42 -17.54
CA THR A 46 3.07 0.08 -17.06
C THR A 46 3.44 -0.82 -18.23
N ASP A 47 2.70 -0.76 -19.32
CA ASP A 47 2.95 -1.65 -20.49
C ASP A 47 4.27 -1.22 -21.16
N ILE A 48 4.55 0.08 -21.35
CA ILE A 48 5.67 0.50 -22.26
C ILE A 48 7.03 0.36 -21.55
N SER A 49 7.05 0.48 -20.24
CA SER A 49 8.23 0.54 -19.34
C SER A 49 9.03 -0.77 -19.33
N THR A 50 10.31 -0.67 -18.97
CA THR A 50 11.26 -1.81 -18.93
CA THR A 50 11.28 -1.79 -18.93
C THR A 50 11.46 -2.22 -17.47
N LEU A 51 11.06 -3.46 -17.14
CA LEU A 51 11.23 -3.98 -15.78
C LEU A 51 12.72 -4.18 -15.57
N ASP A 52 13.32 -3.53 -14.57
CA ASP A 52 14.75 -3.69 -14.28
C ASP A 52 14.88 -4.30 -12.89
N LEU A 53 15.21 -5.58 -12.82
CA LEU A 53 15.25 -6.36 -11.56
C LEU A 53 16.38 -5.90 -10.66
N LYS A 54 17.36 -5.17 -11.18
CA LYS A 54 18.49 -4.66 -10.36
C LYS A 54 18.07 -3.47 -9.46
N LEU A 55 16.93 -2.86 -9.71
CA LEU A 55 16.52 -1.66 -8.90
C LEU A 55 15.94 -2.15 -7.57
N LYS A 56 16.53 -1.68 -6.50
CA LYS A 56 16.32 -2.26 -5.15
C LYS A 56 15.24 -1.47 -4.40
N THR A 57 14.85 -2.00 -3.25
CA THR A 57 13.89 -1.34 -2.32
CA THR A 57 13.92 -1.35 -2.28
C THR A 57 14.47 0.03 -1.92
N VAL A 58 13.65 1.08 -1.95
CA VAL A 58 14.02 2.39 -1.40
C VAL A 58 13.91 2.37 0.13
N ILE A 59 14.91 2.91 0.79
CA ILE A 59 14.96 3.09 2.27
C ILE A 59 15.06 4.58 2.57
N ILE A 60 14.24 5.04 3.51
CA ILE A 60 14.37 6.42 4.03
C ILE A 60 14.75 6.26 5.49
N TYR A 61 15.77 6.95 5.90
CA TYR A 61 16.34 6.79 7.26
C TYR A 61 16.77 8.12 7.81
N ARG A 62 16.73 8.20 9.14
CA ARG A 62 17.05 9.45 9.86
C ARG A 62 18.38 9.33 10.59
N ASN A 63 19.04 10.46 10.75
CA ASN A 63 20.18 10.63 11.68
C ASN A 63 19.56 10.92 13.06
N THR A 64 19.57 9.96 13.98
CA THR A 64 18.92 10.11 15.31
C THR A 64 19.72 11.09 16.20
N SER A 65 20.87 11.66 15.79
CA SER A 65 21.58 12.76 16.51
C SER A 65 21.00 14.13 16.16
N SER A 66 20.29 14.25 15.04
CA SER A 66 19.80 15.58 14.59
C SER A 66 18.71 16.06 15.54
N THR A 67 18.76 17.32 15.94
CA THR A 67 17.70 17.91 16.82
C THR A 67 17.08 19.13 16.18
N GLU A 68 17.55 19.55 15.00
CA GLU A 68 17.05 20.81 14.41
C GLU A 68 15.58 20.69 14.00
N THR A 69 14.96 21.83 13.90
CA THR A 69 13.51 21.98 13.71
C THR A 69 13.21 21.87 12.20
N THR A 70 12.01 21.44 11.87
CA THR A 70 11.43 21.36 10.52
C THR A 70 10.50 22.55 10.39
N THR A 71 10.40 23.13 9.20
CA THR A 71 9.43 24.23 8.92
C THR A 71 8.63 23.91 7.68
N ILE A 72 7.52 24.62 7.53
CA ILE A 72 6.69 24.50 6.33
C ILE A 72 6.39 25.93 5.91
N GLN A 73 6.33 26.15 4.62
CA GLN A 73 6.11 27.49 4.05
C GLN A 73 4.99 27.36 3.02
N ASN A 74 4.10 28.35 2.99
CA ASN A 74 3.29 28.61 1.79
C ASN A 74 4.13 29.50 0.86
N ASN A 75 4.70 28.93 -0.19
CA ASN A 75 5.64 29.66 -1.09
C ASN A 75 4.85 30.32 -2.20
N GLY A 76 3.52 30.27 -2.18
CA GLY A 76 2.69 30.91 -3.20
C GLY A 76 2.30 29.98 -4.30
N HIS A 77 2.95 28.81 -4.41
CA HIS A 77 2.68 27.79 -5.48
CA HIS A 77 2.48 27.84 -5.44
C HIS A 77 2.37 26.44 -4.83
N SER A 78 2.98 26.16 -3.70
CA SER A 78 2.82 24.88 -2.98
C SER A 78 2.98 25.08 -1.50
N ALA A 79 2.66 24.03 -0.72
CA ALA A 79 3.06 23.84 0.67
C ALA A 79 4.39 23.09 0.64
N GLU A 80 5.43 23.66 1.22
CA GLU A 80 6.80 23.09 1.10
C GLU A 80 7.37 22.93 2.50
N VAL A 81 7.60 21.68 2.87
CA VAL A 81 8.33 21.35 4.10
C VAL A 81 9.82 21.53 3.78
N LYS A 82 10.53 22.22 4.65
CA LYS A 82 12.01 22.37 4.58
C LYS A 82 12.58 21.61 5.76
N PHE A 83 13.32 20.56 5.44
CA PHE A 83 13.96 19.72 6.45
C PHE A 83 15.28 20.38 6.82
N PRO A 84 15.70 20.18 8.06
CA PRO A 84 17.07 20.54 8.43
C PRO A 84 18.09 19.69 7.70
N ARG A 85 19.27 20.27 7.49
CA ARG A 85 20.47 19.58 6.95
C ARG A 85 20.78 18.33 7.77
N ASN A 86 21.31 17.30 7.12
CA ASN A 86 21.95 16.14 7.78
C ASN A 86 20.96 15.38 8.66
N THR A 87 19.71 15.30 8.26
CA THR A 87 18.66 14.69 9.10
C THR A 87 18.01 13.47 8.45
N TRP A 88 17.50 13.64 7.25
CA TRP A 88 16.78 12.59 6.51
C TRP A 88 17.54 12.24 5.23
N PHE A 89 17.61 10.95 4.95
CA PHE A 89 18.41 10.38 3.84
C PHE A 89 17.58 9.35 3.10
N ILE A 90 18.00 9.14 1.85
CA ILE A 90 17.54 8.04 0.99
C ILE A 90 18.75 7.15 0.71
N SER A 91 18.48 5.85 0.74
CA SER A 91 19.33 4.78 0.19
C SER A 91 18.61 4.02 -0.89
N PHE A 92 19.25 3.93 -2.05
CA PHE A 92 18.74 3.08 -3.16
C PHE A 92 19.54 1.79 -3.24
N ASP A 93 20.58 1.61 -2.41
CA ASP A 93 21.48 0.45 -2.58
C ASP A 93 21.54 -0.37 -1.28
N GLY A 94 20.76 -0.04 -0.26
CA GLY A 94 20.70 -0.83 0.98
C GLY A 94 21.76 -0.42 1.99
N ILE A 95 22.72 0.40 1.61
CA ILE A 95 23.73 0.94 2.55
C ILE A 95 23.23 2.27 3.08
N LEU A 96 23.41 2.47 4.37
CA LEU A 96 23.01 3.73 5.08
C LEU A 96 24.21 4.64 5.19
N ASP A 97 24.77 5.07 4.07
CA ASP A 97 26.02 5.87 4.07
C ASP A 97 25.79 7.27 3.51
N TYR A 98 24.54 7.75 3.53
CA TYR A 98 24.22 9.20 3.35
C TYR A 98 24.52 9.61 1.91
N LYS A 99 24.24 8.77 0.93
CA LYS A 99 24.50 9.19 -0.48
C LYS A 99 23.49 10.25 -0.94
N TYR A 100 22.25 10.16 -0.45
CA TYR A 100 21.19 11.09 -0.82
C TYR A 100 20.68 11.71 0.48
N GLU A 101 20.65 13.03 0.51
CA GLU A 101 20.18 13.79 1.67
C GLU A 101 18.93 14.59 1.28
N ILE A 102 17.87 14.37 2.05
CA ILE A 102 16.54 14.97 1.83
C ILE A 102 16.59 16.44 2.25
N ILE A 103 16.09 17.31 1.39
CA ILE A 103 16.10 18.77 1.57
C ILE A 103 14.68 19.25 1.90
N GLN A 104 13.72 18.85 1.11
CA GLN A 104 12.36 19.39 1.33
CA GLN A 104 12.39 19.52 0.96
C GLN A 104 11.32 18.45 0.75
N MET A 105 10.07 18.72 1.12
CA MET A 105 8.94 17.95 0.58
C MET A 105 7.85 18.92 0.18
N HIS A 106 7.35 18.80 -1.04
CA HIS A 106 6.22 19.68 -1.39
CA HIS A 106 6.39 19.69 -1.76
C HIS A 106 5.13 18.88 -2.05
N PHE A 107 4.00 19.55 -2.25
CA PHE A 107 2.75 18.88 -2.63
C PHE A 107 2.11 19.62 -3.80
N HIS A 108 1.42 18.84 -4.59
CA HIS A 108 0.64 19.24 -5.77
C HIS A 108 -0.72 18.58 -5.60
N TRP A 109 -1.78 19.33 -5.83
CA TRP A 109 -3.13 18.80 -5.64
C TRP A 109 -4.09 19.52 -6.56
N GLY A 110 -5.33 19.07 -6.48
CA GLY A 110 -6.38 19.47 -7.42
C GLY A 110 -7.46 20.29 -6.74
N ASN A 111 -8.21 21.04 -7.54
CA ASN A 111 -9.42 21.76 -7.08
C ASN A 111 -10.47 20.70 -6.74
N THR A 112 -10.38 19.55 -7.38
CA THR A 112 -11.34 18.42 -7.25
C THR A 112 -10.57 17.12 -7.03
N ASP A 113 -11.27 16.12 -6.50
CA ASP A 113 -10.66 14.84 -6.04
C ASP A 113 -10.15 14.02 -7.22
N ASP A 114 -10.60 14.26 -8.46
CA ASP A 114 -10.18 13.38 -9.58
C ASP A 114 -8.91 13.91 -10.28
N ARG A 115 -8.26 14.93 -9.78
CA ARG A 115 -6.96 15.39 -10.33
C ARG A 115 -6.11 15.98 -9.23
N GLY A 116 -4.86 16.29 -9.55
CA GLY A 116 -3.93 16.97 -8.65
C GLY A 116 -2.50 16.49 -8.84
N SER A 117 -2.30 15.20 -9.08
CA SER A 117 -0.94 14.64 -9.21
C SER A 117 -0.31 15.22 -10.50
N GLU A 118 1.00 15.30 -10.49
CA GLU A 118 1.80 15.72 -11.67
C GLU A 118 2.02 14.53 -12.55
N HIS A 119 2.60 13.44 -12.01
CA HIS A 119 2.60 12.16 -12.76
C HIS A 119 1.19 11.58 -12.86
N THR A 120 0.98 10.81 -13.92
CA THR A 120 -0.15 9.90 -14.15
C THR A 120 0.42 8.49 -14.19
N ILE A 121 -0.39 7.53 -13.76
CA ILE A 121 -0.09 6.10 -13.90
C ILE A 121 -1.11 5.50 -14.86
N ASP A 122 -0.66 5.11 -16.05
CA ASP A 122 -1.56 4.68 -17.14
C ASP A 122 -2.70 5.67 -17.33
N GLY A 123 -2.40 6.96 -17.41
CA GLY A 123 -3.42 7.99 -17.65
C GLY A 123 -4.17 8.42 -16.41
N PHE A 124 -4.00 7.77 -15.25
CA PHE A 124 -4.82 8.04 -14.04
C PHE A 124 -4.14 9.09 -13.16
N ARG A 125 -4.91 10.08 -12.77
CA ARG A 125 -4.46 11.14 -11.86
C ARG A 125 -4.91 10.84 -10.45
N PHE A 126 -4.02 11.13 -9.51
CA PHE A 126 -4.32 11.00 -8.07
C PHE A 126 -4.70 12.37 -7.54
N PRO A 127 -5.37 12.48 -6.38
CA PRO A 127 -5.70 13.80 -5.84
C PRO A 127 -4.52 14.61 -5.31
N LEU A 128 -3.42 13.94 -4.89
CA LEU A 128 -2.33 14.61 -4.19
C LEU A 128 -1.07 13.81 -4.47
N GLU A 129 -0.02 14.51 -4.88
CA GLU A 129 1.32 13.93 -5.12
C GLU A 129 2.30 14.68 -4.26
N GLY A 130 3.04 13.93 -3.44
CA GLY A 130 4.14 14.51 -2.66
C GLY A 130 5.46 14.26 -3.33
N HIS A 131 6.34 15.24 -3.26
CA HIS A 131 7.70 15.19 -3.82
C HIS A 131 8.69 15.36 -2.68
N ILE A 132 9.38 14.27 -2.38
CA ILE A 132 10.49 14.29 -1.41
C ILE A 132 11.75 14.57 -2.23
N VAL A 133 12.34 15.71 -2.00
CA VAL A 133 13.51 16.17 -2.80
C VAL A 133 14.80 15.90 -2.04
N SER A 134 15.76 15.26 -2.71
CA SER A 134 17.09 14.98 -2.11
C SER A 134 18.19 15.44 -3.07
N PHE A 135 19.38 15.64 -2.54
CA PHE A 135 20.57 15.91 -3.36
C PHE A 135 21.58 14.79 -3.19
N ARG A 136 22.33 14.57 -4.26
CA ARG A 136 23.35 13.51 -4.39
C ARG A 136 24.58 13.94 -3.59
N ARG A 137 24.48 13.83 -2.28
CA ARG A 137 25.53 14.20 -1.30
C ARG A 137 26.78 13.37 -1.57
N GLN A 138 26.59 12.19 -2.14
CA GLN A 138 27.71 11.35 -2.60
C GLN A 138 28.67 12.17 -3.47
N MET A 139 28.17 13.10 -4.27
CA MET A 139 28.99 13.93 -5.19
C MET A 139 29.05 15.38 -4.77
N TYR A 140 27.96 15.96 -4.29
CA TYR A 140 27.87 17.40 -4.05
C TYR A 140 27.77 17.64 -2.54
N SER A 141 28.45 18.65 -2.06
CA SER A 141 28.59 18.89 -0.59
C SER A 141 27.37 19.66 -0.06
N SER A 142 26.61 20.36 -0.89
CA SER A 142 25.46 21.15 -0.35
C SER A 142 24.31 21.12 -1.32
N PRO A 143 23.09 21.34 -0.81
CA PRO A 143 21.91 21.45 -1.67
C PRO A 143 22.10 22.53 -2.72
N SER A 144 22.65 23.69 -2.36
CA SER A 144 22.77 24.80 -3.34
C SER A 144 23.80 24.47 -4.44
N GLU A 145 24.79 23.63 -4.16
CA GLU A 145 25.72 23.13 -5.21
C GLU A 145 25.00 22.13 -6.13
N ALA A 146 24.16 21.26 -5.59
CA ALA A 146 23.53 20.17 -6.35
C ALA A 146 22.36 20.69 -7.21
N ILE A 147 21.61 21.69 -6.73
CA ILE A 147 20.29 22.04 -7.32
C ILE A 147 20.45 22.38 -8.82
N GLY A 148 21.54 23.05 -9.21
CA GLY A 148 21.77 23.49 -10.61
C GLY A 148 22.77 22.63 -11.39
N ARG A 149 23.29 21.54 -10.84
CA ARG A 149 24.42 20.81 -11.46
C ARG A 149 23.94 19.46 -11.96
N PRO A 150 24.65 18.87 -12.95
CA PRO A 150 24.22 17.62 -13.54
C PRO A 150 24.10 16.52 -12.50
N GLY A 151 23.04 15.73 -12.63
CA GLY A 151 22.84 14.55 -11.75
C GLY A 151 22.72 14.95 -10.26
N GLY A 152 22.36 16.20 -9.95
CA GLY A 152 22.40 16.70 -8.55
C GLY A 152 21.29 16.14 -7.68
N LEU A 153 20.13 15.77 -8.25
CA LEU A 153 18.91 15.56 -7.44
C LEU A 153 18.28 14.20 -7.66
N ALA A 154 17.59 13.72 -6.63
CA ALA A 154 16.73 12.53 -6.70
C ALA A 154 15.44 12.91 -5.99
N VAL A 155 14.33 12.73 -6.66
CA VAL A 155 13.00 13.03 -6.09
C VAL A 155 12.20 11.74 -6.00
N LEU A 156 11.51 11.59 -4.89
CA LEU A 156 10.51 10.52 -4.66
C LEU A 156 9.13 11.11 -4.82
N GLY A 157 8.32 10.48 -5.65
CA GLY A 157 6.91 10.82 -5.80
C GLY A 157 6.02 9.86 -5.07
N ILE A 158 5.21 10.41 -4.17
CA ILE A 158 4.27 9.64 -3.33
C ILE A 158 2.87 10.07 -3.74
N MET A 159 2.15 9.15 -4.32
CA MET A 159 0.73 9.33 -4.69
C MET A 159 -0.08 9.11 -3.41
N HIS A 160 -1.15 9.87 -3.31
CA HIS A 160 -2.10 9.78 -2.20
C HIS A 160 -3.47 9.53 -2.79
N GLN A 161 -4.27 8.66 -2.18
CA GLN A 161 -5.66 8.40 -2.63
C GLN A 161 -6.61 8.58 -1.43
N ILE A 162 -7.82 9.08 -1.72
CA ILE A 162 -8.87 9.33 -0.71
C ILE A 162 -9.63 8.03 -0.44
N VAL A 163 -9.80 7.71 0.82
CA VAL A 163 -10.70 6.62 1.29
C VAL A 163 -11.70 7.25 2.26
N GLU A 164 -12.89 6.67 2.33
CA GLU A 164 -13.97 7.16 3.24
C GLU A 164 -13.78 6.61 4.64
N SER A 165 -13.37 5.34 4.75
CA SER A 165 -13.30 4.58 6.03
C SER A 165 -11.84 4.32 6.41
N ILE A 166 -11.32 5.02 7.43
CA ILE A 166 -9.91 4.85 7.85
C ILE A 166 -9.69 5.52 9.21
N LYS A 167 -8.82 4.96 10.06
CA LYS A 167 -8.37 5.64 11.31
C LYS A 167 -7.29 6.64 10.92
N TYR A 168 -7.26 7.80 11.56
CA TYR A 168 -6.20 8.82 11.40
C TYR A 168 -4.83 8.15 11.38
N GLU A 169 -4.54 7.24 12.32
CA GLU A 169 -3.21 6.59 12.50
C GLU A 169 -2.73 5.85 11.24
N GLN A 170 -3.61 5.43 10.34
CA GLN A 170 -3.21 4.68 9.13
C GLN A 170 -3.19 5.61 7.92
N THR A 171 -3.49 6.89 8.10
CA THR A 171 -3.43 7.85 6.99
C THR A 171 -2.01 8.40 6.94
N ALA A 172 -1.64 9.00 5.81
CA ALA A 172 -0.37 9.74 5.63
C ALA A 172 -0.24 10.87 6.65
N PHE A 173 -1.33 11.48 7.08
CA PHE A 173 -1.28 12.62 8.01
C PHE A 173 -0.72 12.21 9.36
N LYS A 174 -0.77 10.94 9.71
CA LYS A 174 -0.06 10.45 10.92
C LYS A 174 1.45 10.65 10.72
N ALA A 175 2.02 10.21 9.61
CA ALA A 175 3.45 10.48 9.31
C ALA A 175 3.72 11.99 9.29
N TYR A 176 2.81 12.78 8.75
CA TYR A 176 2.98 14.25 8.60
C TYR A 176 2.69 14.97 9.93
N ASN A 177 2.20 14.26 10.94
CA ASN A 177 1.77 14.91 12.20
C ASN A 177 0.80 16.06 11.94
N ASN A 178 -0.12 15.87 10.98
CA ASN A 178 -1.10 16.88 10.54
C ASN A 178 -0.43 18.18 10.08
N PHE A 179 0.87 18.19 9.83
CA PHE A 179 1.65 19.44 9.56
C PHE A 179 1.42 20.46 10.70
N SER A 180 1.24 20.00 11.94
CA SER A 180 1.03 20.84 13.16
C SER A 180 -0.13 21.83 12.95
N GLY A 181 -1.11 21.50 12.11
CA GLY A 181 -2.37 22.25 11.92
C GLY A 181 -2.22 23.50 11.07
N VAL A 182 -1.11 23.65 10.36
CA VAL A 182 -0.74 24.90 9.63
C VAL A 182 -1.57 24.99 8.34
N LEU A 183 -2.16 23.90 7.86
CA LEU A 183 -2.90 23.93 6.59
C LEU A 183 -4.26 24.55 6.86
N ASN A 184 -4.37 25.87 6.75
CA ASN A 184 -5.65 26.58 6.95
C ASN A 184 -5.64 27.87 6.14
N SER A 185 -6.77 28.58 6.10
CA SER A 185 -6.97 29.76 5.24
C SER A 185 -6.03 30.88 5.63
N GLN A 186 -5.52 30.90 6.86
CA GLN A 186 -4.69 32.02 7.35
C GLN A 186 -3.21 31.74 7.08
N PHE A 187 -2.89 30.62 6.44
CA PHE A 187 -1.47 30.26 6.16
C PHE A 187 -1.09 30.94 4.86
N VAL A 188 -0.88 32.26 4.92
CA VAL A 188 -0.72 33.09 3.69
C VAL A 188 0.74 33.05 3.27
N PRO A 189 1.01 33.21 1.96
CA PRO A 189 2.38 33.28 1.46
C PRO A 189 2.96 34.59 1.97
N PRO A 190 4.26 34.70 2.32
CA PRO A 190 5.22 33.60 2.21
C PRO A 190 5.53 33.11 3.63
N ASN A 191 4.49 33.01 4.46
CA ASN A 191 4.59 32.64 5.89
C ASN A 191 5.24 31.26 5.99
N ASN A 192 6.04 31.11 7.03
CA ASN A 192 6.79 29.88 7.35
C ASN A 192 6.44 29.60 8.79
N SER A 193 6.22 28.36 9.15
CA SER A 193 5.97 28.00 10.55
C SER A 193 6.78 26.75 10.90
N THR A 194 7.28 26.68 12.12
CA THR A 194 7.87 25.48 12.71
C THR A 194 6.79 24.43 12.80
N ILE A 195 7.14 23.17 12.47
CA ILE A 195 6.18 22.06 12.59
C ILE A 195 6.91 20.92 13.24
N ASP A 196 6.14 19.95 13.72
CA ASP A 196 6.63 18.66 14.26
C ASP A 196 7.38 17.98 13.12
N ASP A 197 8.41 17.21 13.43
CA ASP A 197 9.15 16.50 12.37
C ASP A 197 8.20 15.55 11.64
N ILE A 198 8.42 15.36 10.34
CA ILE A 198 7.65 14.44 9.48
C ILE A 198 8.33 13.07 9.61
N ASN A 199 7.59 12.03 9.93
CA ASN A 199 8.15 10.68 10.02
C ASN A 199 8.15 10.09 8.61
N LEU A 200 9.18 10.43 7.83
CA LEU A 200 9.26 9.96 6.41
C LEU A 200 9.40 8.45 6.34
N ALA A 201 10.02 7.78 7.31
CA ALA A 201 10.13 6.31 7.32
C ALA A 201 8.75 5.70 7.49
N LEU A 202 7.92 6.27 8.35
CA LEU A 202 6.54 5.77 8.51
C LEU A 202 5.79 6.01 7.20
N LEU A 203 5.96 7.19 6.61
CA LEU A 203 5.25 7.46 5.34
C LEU A 203 5.54 6.40 4.29
N LEU A 204 6.82 6.05 4.13
CA LEU A 204 7.22 5.05 3.13
C LEU A 204 6.68 3.66 3.47
N SER A 205 6.49 3.34 4.75
CA SER A 205 5.96 2.02 5.16
C SER A 205 4.46 1.94 4.80
N LEU A 206 3.79 3.07 4.52
CA LEU A 206 2.35 3.04 4.12
C LEU A 206 2.21 2.57 2.68
N LEU A 207 3.30 2.47 1.94
CA LEU A 207 3.21 1.91 0.58
C LEU A 207 4.26 0.81 0.39
N ASN A 208 4.36 0.25 -0.81
CA ASN A 208 5.37 -0.78 -1.14
C ASN A 208 6.59 -0.06 -1.71
N PRO A 209 7.68 0.05 -0.95
CA PRO A 209 8.85 0.78 -1.42
C PRO A 209 9.73 0.04 -2.44
N SER A 210 9.35 -1.15 -2.86
CA SER A 210 10.02 -1.91 -3.95
C SER A 210 9.31 -1.70 -5.28
N ARG A 211 8.11 -1.10 -5.31
CA ARG A 211 7.25 -1.13 -6.51
C ARG A 211 7.17 0.30 -7.05
N TYR A 212 7.96 0.62 -8.05
CA TYR A 212 8.07 2.03 -8.47
C TYR A 212 8.44 2.13 -9.95
N PHE A 213 8.17 3.30 -10.50
CA PHE A 213 8.74 3.74 -11.80
C PHE A 213 10.04 4.53 -11.53
N ARG A 214 10.95 4.44 -12.50
CA ARG A 214 12.27 5.08 -12.45
C ARG A 214 12.62 5.64 -13.82
N TYR A 215 13.01 6.89 -13.83
CA TYR A 215 13.45 7.56 -15.06
C TYR A 215 14.20 8.81 -14.72
N LEU A 216 14.94 9.28 -15.72
CA LEU A 216 15.69 10.55 -15.65
C LEU A 216 14.82 11.67 -16.21
N GLY A 217 14.67 12.73 -15.46
CA GLY A 217 13.79 13.85 -15.83
C GLY A 217 14.20 15.13 -15.18
N SER A 218 13.21 15.93 -14.81
CA SER A 218 13.43 17.35 -14.48
C SER A 218 12.67 17.78 -13.25
N LEU A 219 13.02 18.95 -12.75
CA LEU A 219 12.11 19.66 -11.85
C LEU A 219 10.80 19.94 -12.61
N THR A 220 9.71 20.01 -11.89
CA THR A 220 8.37 20.21 -12.52
C THR A 220 7.94 21.68 -12.41
N THR A 221 8.77 22.56 -11.88
CA THR A 221 8.55 24.02 -11.82
C THR A 221 9.78 24.66 -12.45
N PRO A 222 9.63 25.88 -13.01
CA PRO A 222 10.79 26.59 -13.55
C PRO A 222 11.93 26.68 -12.55
N PRO A 223 13.21 26.51 -12.97
CA PRO A 223 13.59 26.36 -14.36
C PRO A 223 13.68 24.94 -14.94
N CYS A 224 12.94 24.00 -14.36
CA CYS A 224 12.70 22.68 -15.01
C CYS A 224 14.04 21.99 -15.28
N THR A 225 14.98 22.13 -14.38
CA THR A 225 16.35 21.63 -14.59
C THR A 225 16.32 20.10 -14.83
N GLU A 226 17.04 19.62 -15.84
CA GLU A 226 17.01 18.18 -16.19
C GLU A 226 18.13 17.47 -15.43
N ASN A 227 18.04 17.44 -14.11
CA ASN A 227 19.05 16.82 -13.26
C ASN A 227 18.38 15.99 -12.16
N VAL A 228 17.20 15.48 -12.43
CA VAL A 228 16.42 14.73 -11.44
C VAL A 228 16.35 13.25 -11.79
N LEU A 229 16.85 12.43 -10.88
CA LEU A 229 16.54 10.98 -10.86
C LEU A 229 15.20 10.76 -10.19
N TRP A 230 14.17 10.43 -10.97
CA TRP A 230 12.79 10.27 -10.47
C TRP A 230 12.56 8.83 -10.00
N THR A 231 11.83 8.71 -8.90
CA THR A 231 11.28 7.43 -8.41
C THR A 231 9.86 7.74 -8.05
N VAL A 232 8.91 7.07 -8.68
CA VAL A 232 7.48 7.32 -8.38
C VAL A 232 6.89 5.98 -7.92
N PHE A 233 6.45 5.91 -6.67
CA PHE A 233 5.87 4.66 -6.14
C PHE A 233 4.51 4.42 -6.77
N ILE A 234 4.23 3.17 -7.11
CA ILE A 234 2.98 2.83 -7.82
C ILE A 234 1.80 2.78 -6.84
N ASP A 235 2.00 2.26 -5.65
CA ASP A 235 0.92 2.12 -4.63
C ASP A 235 0.76 3.42 -3.90
N PRO A 236 -0.47 3.95 -3.79
CA PRO A 236 -0.66 5.20 -3.08
C PRO A 236 -0.72 4.98 -1.55
N VAL A 237 -0.38 6.03 -0.82
CA VAL A 237 -0.72 6.15 0.62
C VAL A 237 -2.13 6.70 0.71
N LEU A 238 -2.74 6.61 1.88
CA LEU A 238 -4.20 6.86 1.98
C LEU A 238 -4.43 8.12 2.79
N ILE A 239 -5.41 8.89 2.36
CA ILE A 239 -5.85 10.13 3.05
C ILE A 239 -7.38 10.20 2.97
N THR A 240 -7.94 11.15 3.72
CA THR A 240 -9.40 11.43 3.75
C THR A 240 -9.74 12.67 2.93
N ARG A 241 -11.01 12.82 2.60
CA ARG A 241 -11.53 14.04 1.94
C ARG A 241 -11.20 15.24 2.84
N GLU A 242 -11.37 15.10 4.14
CA GLU A 242 -11.15 16.20 5.10
C GLU A 242 -9.70 16.67 4.98
N GLN A 243 -8.77 15.72 4.90
CA GLN A 243 -7.32 16.03 4.79
C GLN A 243 -7.00 16.71 3.45
N ILE A 244 -7.50 16.23 2.32
CA ILE A 244 -7.23 16.91 1.01
C ILE A 244 -7.79 18.36 1.07
N ASN A 245 -8.94 18.56 1.70
CA ASN A 245 -9.55 19.91 1.75
C ASN A 245 -8.71 20.83 2.62
N LEU A 246 -7.91 20.36 3.57
CA LEU A 246 -7.00 21.25 4.32
C LEU A 246 -6.04 21.95 3.33
N PHE A 247 -5.47 21.22 2.38
CA PHE A 247 -4.55 21.86 1.40
C PHE A 247 -5.28 22.94 0.59
N ARG A 248 -6.53 22.66 0.24
CA ARG A 248 -7.36 23.53 -0.62
C ARG A 248 -7.70 24.82 0.13
N ASN A 249 -7.50 24.86 1.43
CA ASN A 249 -7.71 26.11 2.23
C ASN A 249 -6.56 27.11 2.01
N LEU A 250 -5.38 26.67 1.57
CA LEU A 250 -4.23 27.60 1.42
C LEU A 250 -4.53 28.62 0.32
N PRO A 251 -4.14 29.90 0.51
CA PRO A 251 -4.26 30.87 -0.56
C PRO A 251 -3.05 30.76 -1.50
N TYR A 252 -3.32 30.89 -2.79
CA TYR A 252 -2.32 31.11 -3.86
C TYR A 252 -1.63 32.44 -3.64
N GLY A 253 -0.38 32.55 -4.14
CA GLY A 253 0.34 33.83 -4.28
C GLY A 253 -0.38 34.79 -5.20
N SER A 254 -0.06 36.08 -5.10
CA SER A 254 -0.72 37.20 -5.83
C SER A 254 -0.49 37.12 -7.35
N ASN A 255 0.45 36.34 -7.84
CA ASN A 255 0.65 36.25 -9.32
C ASN A 255 -0.24 35.17 -9.94
N GLU A 256 -1.03 34.43 -9.14
CA GLU A 256 -2.00 33.46 -9.69
C GLU A 256 -3.33 34.20 -9.97
N LYS A 257 -4.09 33.74 -10.96
CA LYS A 257 -5.49 34.13 -11.29
C LYS A 257 -6.41 33.53 -10.20
N GLN A 258 -6.30 32.24 -9.89
CA GLN A 258 -7.13 31.57 -8.84
C GLN A 258 -6.72 32.06 -7.43
N THR A 259 -7.68 32.22 -6.52
CA THR A 259 -7.45 32.70 -5.14
C THR A 259 -6.94 31.56 -4.25
N ARG A 260 -7.64 30.43 -4.26
CA ARG A 260 -7.31 29.30 -3.36
C ARG A 260 -6.32 28.40 -4.10
N MET A 261 -5.37 27.85 -3.35
CA MET A 261 -4.34 26.98 -3.98
C MET A 261 -4.93 25.63 -4.36
N GLY A 262 -4.73 25.28 -5.62
CA GLY A 262 -5.25 24.04 -6.22
C GLY A 262 -4.94 24.03 -7.69
N ASP A 263 -4.88 22.84 -8.28
CA ASP A 263 -4.48 22.60 -9.68
C ASP A 263 -3.04 23.10 -9.85
N ASN A 264 -2.23 22.92 -8.81
CA ASN A 264 -0.81 23.37 -8.79
C ASN A 264 0.05 22.21 -9.30
N PHE A 265 -0.30 21.74 -10.48
CA PHE A 265 0.45 20.69 -11.19
C PHE A 265 0.81 21.16 -12.58
N ARG A 266 1.93 20.63 -13.08
CA ARG A 266 2.39 20.88 -14.46
C ARG A 266 1.72 19.87 -15.37
N PRO A 267 1.32 20.29 -16.59
CA PRO A 267 0.83 19.34 -17.56
C PRO A 267 1.82 18.23 -17.93
N ILE A 268 1.30 17.08 -18.36
CA ILE A 268 2.08 15.92 -18.80
C ILE A 268 3.02 16.27 -19.96
N GLN A 269 4.26 15.84 -19.84
CA GLN A 269 5.31 15.92 -20.88
C GLN A 269 5.49 14.56 -21.50
N LEU A 270 5.99 14.47 -22.74
CA LEU A 270 6.34 13.18 -23.37
C LEU A 270 7.65 12.63 -22.82
N LEU A 271 7.77 11.31 -22.68
CA LEU A 271 9.05 10.68 -22.39
C LEU A 271 10.04 11.12 -23.47
N ASN A 272 9.60 11.08 -24.74
CA ASN A 272 10.54 11.36 -25.87
C ASN A 272 9.85 12.26 -26.87
N PRO A 273 9.92 13.59 -26.66
CA PRO A 273 9.41 14.54 -27.65
C PRO A 273 10.16 14.28 -28.96
N ILE A 274 9.53 14.67 -30.07
CA ILE A 274 10.01 14.46 -31.47
C ILE A 274 11.44 15.01 -31.66
N ASP A 275 11.80 16.09 -30.98
CA ASP A 275 13.10 16.79 -31.17
C ASP A 275 14.21 16.12 -30.31
N THR A 276 13.96 14.98 -29.67
CA THR A 276 14.95 14.46 -28.68
C THR A 276 16.21 14.07 -29.46
N LEU A 277 17.40 14.25 -28.89
CA LEU A 277 18.65 13.78 -29.52
C LEU A 277 19.13 12.46 -28.91
N ALA A 278 18.48 11.94 -27.87
CA ALA A 278 18.85 10.65 -27.30
C ALA A 278 17.69 10.23 -26.40
N SER A 279 16.96 9.21 -26.84
CA SER A 279 15.69 8.79 -26.20
C SER A 279 16.00 8.37 -24.77
N ARG A 280 15.10 8.65 -23.83
CA ARG A 280 15.21 8.04 -22.50
C ARG A 280 14.20 6.88 -22.44
N THR A 281 14.42 6.01 -21.47
CA THR A 281 13.63 4.82 -21.20
C THR A 281 12.98 4.96 -19.81
N LEU A 282 11.71 4.63 -19.71
CA LEU A 282 11.01 4.47 -18.42
C LEU A 282 11.23 3.06 -17.89
N TYR A 283 11.77 2.97 -16.67
CA TYR A 283 12.02 1.70 -15.96
C TYR A 283 10.97 1.52 -14.85
N ARG A 284 10.87 0.29 -14.43
CA ARG A 284 9.92 -0.18 -13.40
C ARG A 284 10.72 -1.14 -12.52
N ALA A 285 10.44 -1.07 -11.22
CA ALA A 285 11.04 -1.96 -10.18
C ALA A 285 9.90 -2.80 -9.58
N THR A 286 10.24 -3.99 -9.09
CA THR A 286 9.32 -4.74 -8.21
C THR A 286 10.17 -5.64 -7.29
N ALA A 287 9.57 -6.17 -6.22
CA ALA A 287 10.29 -6.91 -5.15
C ALA A 287 10.85 -8.20 -5.75
N ARG A 288 12.07 -8.55 -5.31
CA ARG A 288 12.71 -9.89 -5.43
C ARG A 288 11.63 -10.96 -5.23
N GLY A 289 10.95 -11.35 -6.33
CA GLY A 289 9.89 -12.38 -6.34
C GLY A 289 10.47 -13.76 -6.08
N GLU B 13 -22.46 -28.48 10.47
CA GLU B 13 -22.72 -28.42 11.95
C GLU B 13 -22.33 -27.06 12.54
N TRP B 14 -21.84 -26.13 11.74
CA TRP B 14 -21.57 -24.78 12.26
C TRP B 14 -22.02 -23.76 11.21
N SER B 15 -22.26 -22.57 11.69
CA SER B 15 -22.64 -21.42 10.85
C SER B 15 -22.07 -20.14 11.46
N TYR B 16 -22.28 -19.04 10.76
CA TYR B 16 -22.05 -17.66 11.21
C TYR B 16 -23.33 -17.04 11.75
N THR B 17 -24.49 -17.30 11.12
CA THR B 17 -25.70 -16.46 11.38
C THR B 17 -26.85 -17.22 12.06
N ASN B 18 -26.78 -18.55 12.17
CA ASN B 18 -27.82 -19.35 12.86
C ASN B 18 -27.44 -19.48 14.33
N ILE B 19 -28.23 -18.91 15.24
CA ILE B 19 -27.91 -18.82 16.69
C ILE B 19 -27.75 -20.23 17.29
N LEU B 20 -28.31 -21.27 16.66
CA LEU B 20 -28.14 -22.67 17.12
C LEU B 20 -26.70 -23.17 16.85
N THR B 21 -26.00 -22.70 15.79
CA THR B 21 -24.71 -23.30 15.36
C THR B 21 -23.63 -22.22 15.18
N GLY B 22 -23.95 -20.99 15.57
CA GLY B 22 -23.21 -19.74 15.29
C GLY B 22 -21.95 -19.66 16.17
N PRO B 23 -21.11 -18.61 16.01
CA PRO B 23 -19.81 -18.56 16.68
C PRO B 23 -19.83 -18.63 18.21
N GLU B 24 -20.90 -18.14 18.84
CA GLU B 24 -21.03 -18.20 20.32
C GLU B 24 -21.16 -19.66 20.77
N THR B 25 -21.46 -20.60 19.88
CA THR B 25 -21.67 -22.02 20.27
C THR B 25 -20.41 -22.81 20.00
N TRP B 26 -19.42 -22.28 19.27
CA TRP B 26 -18.33 -23.18 18.81
C TRP B 26 -17.53 -23.75 20.00
N HIS B 27 -17.40 -23.00 21.08
CA HIS B 27 -16.56 -23.41 22.25
C HIS B 27 -17.22 -24.63 22.89
N GLU B 28 -18.54 -24.75 22.75
CA GLU B 28 -19.38 -25.88 23.25
CA GLU B 28 -19.30 -25.91 23.28
C GLU B 28 -19.33 -27.03 22.23
N HIS B 29 -19.59 -26.73 20.95
CA HIS B 29 -19.71 -27.77 19.89
C HIS B 29 -18.34 -28.34 19.49
N TYR B 30 -17.25 -27.56 19.65
CA TYR B 30 -15.90 -27.92 19.15
C TYR B 30 -14.87 -27.55 20.23
N LYS B 31 -15.00 -28.16 21.38
CA LYS B 31 -14.17 -27.83 22.55
C LYS B 31 -12.70 -27.89 22.11
N ASN B 32 -12.28 -28.94 21.37
CA ASN B 32 -10.95 -29.11 20.74
C ASN B 32 -11.05 -28.54 19.32
N MET B 33 -10.71 -27.26 19.12
CA MET B 33 -9.96 -26.39 20.04
C MET B 33 -10.60 -25.00 20.15
N CYS B 34 -11.87 -24.84 19.81
CA CYS B 34 -12.55 -23.53 19.88
C CYS B 34 -12.73 -23.05 21.32
N SER B 35 -12.46 -23.88 22.32
CA SER B 35 -12.52 -23.49 23.76
C SER B 35 -11.16 -23.03 24.26
N GLY B 36 -10.14 -23.02 23.40
CA GLY B 36 -8.76 -22.77 23.82
C GLY B 36 -8.49 -21.30 24.14
N TYR B 37 -7.24 -20.99 24.43
CA TYR B 37 -6.85 -19.61 24.82
C TYR B 37 -5.76 -19.10 23.88
N TYR B 38 -5.57 -19.74 22.75
CA TYR B 38 -4.65 -19.22 21.71
C TYR B 38 -5.50 -19.02 20.46
N GLN B 39 -6.66 -18.40 20.61
CA GLN B 39 -7.63 -18.34 19.47
C GLN B 39 -7.37 -17.10 18.58
N SER B 40 -7.92 -17.17 17.38
CA SER B 40 -7.95 -16.08 16.37
C SER B 40 -9.38 -15.86 15.94
N PRO B 41 -9.77 -14.68 15.44
CA PRO B 41 -8.89 -13.51 15.31
C PRO B 41 -8.79 -12.72 16.61
N ILE B 42 -7.84 -11.83 16.63
CA ILE B 42 -7.59 -10.90 17.76
C ILE B 42 -7.61 -9.48 17.23
N ASP B 43 -7.72 -8.56 18.17
CA ASP B 43 -7.48 -7.13 17.93
C ASP B 43 -5.96 -6.93 17.87
N LEU B 44 -5.50 -6.47 16.73
CA LEU B 44 -4.06 -6.18 16.53
C LEU B 44 -3.79 -4.75 17.02
N LYS B 45 -3.25 -4.63 18.22
CA LYS B 45 -3.01 -3.35 18.92
C LYS B 45 -1.57 -2.90 18.67
N THR B 46 -1.39 -1.81 17.95
CA THR B 46 -0.06 -1.26 17.62
C THR B 46 0.71 -0.97 18.90
N ASP B 47 0.04 -0.43 19.93
CA ASP B 47 0.68 0.08 21.18
C ASP B 47 1.06 -1.11 22.07
N ILE B 48 0.23 -2.14 22.11
CA ILE B 48 0.47 -3.35 22.93
C ILE B 48 0.93 -4.48 22.02
N SER B 49 1.94 -4.21 21.20
CA SER B 49 2.63 -5.23 20.39
C SER B 49 4.11 -4.97 20.55
N THR B 50 4.94 -5.96 20.32
CA THR B 50 6.39 -5.86 20.43
C THR B 50 6.99 -5.85 19.03
N LEU B 51 7.73 -4.78 18.71
CA LEU B 51 8.46 -4.68 17.42
C LEU B 51 9.58 -5.69 17.42
N ASP B 52 9.66 -6.56 16.43
CA ASP B 52 10.74 -7.56 16.28
C ASP B 52 11.41 -7.28 14.94
N LEU B 53 12.60 -6.69 14.98
CA LEU B 53 13.33 -6.26 13.76
C LEU B 53 13.83 -7.46 12.99
N LYS B 54 13.85 -8.64 13.58
CA LYS B 54 14.37 -9.87 12.90
C LYS B 54 13.33 -10.43 11.93
N LEU B 55 12.08 -9.99 11.98
CA LEU B 55 10.99 -10.54 11.16
C LEU B 55 11.12 -9.84 9.78
N LYS B 56 11.32 -10.62 8.75
CA LYS B 56 11.80 -10.15 7.43
C LYS B 56 10.60 -9.95 6.50
N THR B 57 10.88 -9.40 5.34
CA THR B 57 9.86 -9.20 4.30
C THR B 57 9.29 -10.54 3.89
N VAL B 58 7.97 -10.59 3.69
CA VAL B 58 7.31 -11.81 3.20
C VAL B 58 7.43 -11.82 1.67
N ILE B 59 7.74 -12.99 1.12
CA ILE B 59 7.80 -13.21 -0.34
C ILE B 59 6.80 -14.29 -0.70
N ILE B 60 6.03 -14.04 -1.74
CA ILE B 60 5.19 -15.09 -2.32
C ILE B 60 5.74 -15.34 -3.73
N TYR B 61 5.87 -16.60 -4.11
CA TYR B 61 6.56 -16.96 -5.38
C TYR B 61 5.94 -18.23 -5.90
N ARG B 62 6.00 -18.39 -7.24
CA ARG B 62 5.30 -19.45 -7.99
C ARG B 62 6.36 -20.40 -8.54
N ASN B 63 5.99 -21.67 -8.60
CA ASN B 63 6.71 -22.68 -9.39
C ASN B 63 6.33 -22.43 -10.85
N THR B 64 7.24 -21.85 -11.65
CA THR B 64 6.95 -21.41 -13.04
CA THR B 64 7.04 -21.43 -13.07
C THR B 64 6.59 -22.61 -13.93
N SER B 65 6.95 -23.84 -13.57
CA SER B 65 6.65 -25.01 -14.44
C SER B 65 5.38 -25.74 -13.97
N SER B 66 4.64 -25.19 -13.00
CA SER B 66 3.30 -25.74 -12.64
C SER B 66 2.29 -25.29 -13.70
N THR B 67 1.42 -26.19 -14.16
CA THR B 67 0.41 -25.93 -15.22
C THR B 67 -0.99 -26.28 -14.73
N GLU B 68 -1.16 -26.77 -13.50
CA GLU B 68 -2.50 -27.25 -13.07
C GLU B 68 -3.42 -26.04 -12.81
N THR B 69 -4.73 -26.30 -12.93
CA THR B 69 -5.86 -25.35 -12.86
C THR B 69 -6.10 -24.92 -11.41
N THR B 70 -6.53 -23.67 -11.21
CA THR B 70 -7.07 -23.13 -9.95
C THR B 70 -8.61 -23.23 -9.98
N THR B 71 -9.25 -23.55 -8.87
CA THR B 71 -10.73 -23.51 -8.73
CA THR B 71 -10.72 -23.52 -8.74
C THR B 71 -11.11 -22.52 -7.64
N ILE B 72 -12.37 -22.14 -7.60
CA ILE B 72 -12.96 -21.40 -6.47
C ILE B 72 -14.25 -22.11 -6.14
N GLN B 73 -14.59 -22.17 -4.87
CA GLN B 73 -15.78 -22.88 -4.39
C GLN B 73 -16.58 -21.92 -3.53
N ASN B 74 -17.91 -21.97 -3.65
CA ASN B 74 -18.79 -21.45 -2.60
C ASN B 74 -18.98 -22.61 -1.64
N ASN B 75 -18.34 -22.56 -0.47
CA ASN B 75 -18.37 -23.74 0.43
C ASN B 75 -19.56 -23.61 1.39
N GLY B 76 -20.39 -22.59 1.23
CA GLY B 76 -21.57 -22.29 2.06
C GLY B 76 -21.27 -21.30 3.19
N HIS B 77 -19.99 -21.07 3.51
CA HIS B 77 -19.60 -20.17 4.62
CA HIS B 77 -19.54 -20.21 4.63
C HIS B 77 -18.64 -19.08 4.09
N SER B 78 -17.90 -19.36 3.04
CA SER B 78 -17.00 -18.38 2.39
C SER B 78 -16.81 -18.71 0.91
N ALA B 79 -16.23 -17.79 0.14
CA ALA B 79 -15.60 -18.05 -1.17
C ALA B 79 -14.15 -18.49 -0.95
N GLU B 80 -13.81 -19.68 -1.44
CA GLU B 80 -12.51 -20.34 -1.18
C GLU B 80 -11.82 -20.68 -2.49
N VAL B 81 -10.75 -19.98 -2.77
CA VAL B 81 -9.88 -20.38 -3.90
C VAL B 81 -9.08 -21.61 -3.47
N LYS B 82 -9.05 -22.64 -4.30
CA LYS B 82 -8.26 -23.87 -4.03
C LYS B 82 -7.13 -23.91 -5.04
N PHE B 83 -5.91 -23.77 -4.59
CA PHE B 83 -4.71 -23.75 -5.46
C PHE B 83 -4.30 -25.19 -5.71
N PRO B 84 -3.73 -25.50 -6.89
CA PRO B 84 -3.16 -26.81 -7.13
C PRO B 84 -1.90 -26.97 -6.27
N ARG B 85 -1.53 -28.20 -5.96
CA ARG B 85 -0.32 -28.53 -5.15
C ARG B 85 0.94 -28.02 -5.86
N ASN B 86 2.00 -27.71 -5.12
CA ASN B 86 3.37 -27.52 -5.63
C ASN B 86 3.43 -26.32 -6.57
N THR B 87 2.65 -25.26 -6.30
CA THR B 87 2.48 -24.13 -7.25
C THR B 87 2.84 -22.79 -6.63
N TRP B 88 2.23 -22.41 -5.51
CA TRP B 88 2.44 -21.09 -4.87
C TRP B 88 3.05 -21.33 -3.47
N PHE B 89 4.03 -20.51 -3.12
CA PHE B 89 4.84 -20.65 -1.88
C PHE B 89 4.94 -19.30 -1.14
N ILE B 90 5.26 -19.39 0.16
CA ILE B 90 5.63 -18.22 0.97
C ILE B 90 7.03 -18.48 1.47
N SER B 91 7.84 -17.46 1.44
CA SER B 91 9.12 -17.43 2.17
C SER B 91 9.06 -16.31 3.20
N PHE B 92 9.42 -16.65 4.43
CA PHE B 92 9.59 -15.68 5.52
C PHE B 92 11.06 -15.37 5.76
N ASP B 93 11.97 -16.06 5.06
CA ASP B 93 13.42 -16.00 5.44
C ASP B 93 14.25 -15.54 4.25
N GLY B 94 13.64 -15.19 3.12
CA GLY B 94 14.38 -14.74 1.92
C GLY B 94 14.87 -15.89 1.05
N ILE B 95 14.76 -17.13 1.51
CA ILE B 95 15.14 -18.32 0.71
C ILE B 95 13.91 -18.86 -0.02
N LEU B 96 14.04 -19.19 -1.30
CA LEU B 96 12.94 -19.72 -2.13
C LEU B 96 13.05 -21.24 -2.17
N ASP B 97 12.93 -21.92 -1.02
CA ASP B 97 13.12 -23.39 -0.92
C ASP B 97 11.84 -24.10 -0.44
N TYR B 98 10.67 -23.52 -0.67
CA TYR B 98 9.38 -24.25 -0.61
C TYR B 98 9.11 -24.68 0.83
N LYS B 99 9.45 -23.87 1.80
CA LYS B 99 9.16 -24.15 3.24
C LYS B 99 7.65 -24.08 3.52
N TYR B 100 6.94 -23.15 2.88
CA TYR B 100 5.49 -22.95 3.09
C TYR B 100 4.84 -23.03 1.71
N GLU B 101 3.90 -23.94 1.59
CA GLU B 101 3.14 -24.16 0.32
C GLU B 101 1.69 -23.70 0.49
N ILE B 102 1.27 -22.78 -0.37
CA ILE B 102 -0.10 -22.23 -0.36
C ILE B 102 -1.07 -23.30 -0.86
N ILE B 103 -2.16 -23.42 -0.12
CA ILE B 103 -3.25 -24.40 -0.36
C ILE B 103 -4.45 -23.67 -0.89
N GLN B 104 -4.87 -22.62 -0.19
CA GLN B 104 -6.15 -21.98 -0.55
CA GLN B 104 -6.25 -22.07 -0.21
C GLN B 104 -6.18 -20.55 -0.05
N MET B 105 -7.17 -19.82 -0.57
CA MET B 105 -7.37 -18.42 -0.15
C MET B 105 -8.85 -18.23 0.11
N HIS B 106 -9.22 -17.82 1.31
CA HIS B 106 -10.65 -17.53 1.50
CA HIS B 106 -10.59 -17.61 1.84
C HIS B 106 -10.86 -16.11 1.97
N PHE B 107 -12.12 -15.72 1.89
CA PHE B 107 -12.53 -14.33 2.07
C PHE B 107 -13.60 -14.27 3.14
N HIS B 108 -13.53 -13.20 3.90
CA HIS B 108 -14.45 -12.80 4.97
C HIS B 108 -14.86 -11.38 4.66
N TRP B 109 -16.16 -11.10 4.69
CA TRP B 109 -16.68 -9.74 4.44
C TRP B 109 -17.99 -9.50 5.20
N GLY B 110 -18.45 -8.30 5.10
CA GLY B 110 -19.58 -7.72 5.84
C GLY B 110 -20.80 -7.56 4.94
N ASN B 111 -21.96 -7.43 5.58
CA ASN B 111 -23.20 -7.01 4.89
C ASN B 111 -23.08 -5.56 4.46
N THR B 112 -22.28 -4.77 5.19
CA THR B 112 -22.05 -3.32 5.01
C THR B 112 -20.54 -3.07 5.01
N ASP B 113 -20.13 -1.89 4.56
CA ASP B 113 -18.72 -1.57 4.19
C ASP B 113 -17.91 -1.28 5.45
N ASP B 114 -18.59 -1.09 6.59
CA ASP B 114 -17.92 -0.74 7.85
C ASP B 114 -17.52 -2.01 8.63
N ARG B 115 -17.72 -3.20 8.09
CA ARG B 115 -17.31 -4.45 8.78
C ARG B 115 -17.09 -5.56 7.76
N GLY B 116 -16.48 -6.66 8.22
CA GLY B 116 -16.20 -7.81 7.35
C GLY B 116 -14.96 -8.56 7.78
N SER B 117 -13.91 -7.84 8.16
CA SER B 117 -12.61 -8.48 8.52
C SER B 117 -12.77 -9.26 9.84
N GLU B 118 -11.93 -10.28 10.00
CA GLU B 118 -11.87 -11.10 11.23
C GLU B 118 -11.01 -10.36 12.24
N HIS B 119 -9.78 -10.06 11.80
CA HIS B 119 -8.88 -9.21 12.58
C HIS B 119 -9.37 -7.77 12.51
N THR B 120 -9.12 -7.06 13.59
CA THR B 120 -9.16 -5.59 13.67
C THR B 120 -7.75 -5.07 13.87
N ILE B 121 -7.54 -3.82 13.45
CA ILE B 121 -6.29 -3.07 13.71
C ILE B 121 -6.66 -1.86 14.54
N ASP B 122 -6.23 -1.87 15.79
CA ASP B 122 -6.62 -0.87 16.82
C ASP B 122 -8.13 -0.65 16.81
N GLY B 123 -8.89 -1.75 16.76
CA GLY B 123 -10.36 -1.76 16.84
C GLY B 123 -11.04 -1.46 15.52
N PHE B 124 -10.29 -1.22 14.44
CA PHE B 124 -10.88 -0.88 13.11
C PHE B 124 -11.12 -2.13 12.28
N ARG B 125 -12.36 -2.26 11.79
CA ARG B 125 -12.76 -3.35 10.89
C ARG B 125 -12.60 -2.90 9.44
N PHE B 126 -12.08 -3.77 8.60
CA PHE B 126 -12.00 -3.55 7.15
C PHE B 126 -13.22 -4.23 6.53
N PRO B 127 -13.61 -3.85 5.30
CA PRO B 127 -14.72 -4.50 4.62
C PRO B 127 -14.50 -5.92 4.13
N LEU B 128 -13.24 -6.33 3.95
CA LEU B 128 -12.89 -7.64 3.39
C LEU B 128 -11.50 -8.03 3.90
N GLU B 129 -11.35 -9.26 4.36
CA GLU B 129 -10.05 -9.84 4.80
C GLU B 129 -9.89 -11.15 4.05
N GLY B 130 -8.77 -11.26 3.33
CA GLY B 130 -8.39 -12.47 2.62
C GLY B 130 -7.42 -13.25 3.45
N HIS B 131 -7.56 -14.57 3.47
CA HIS B 131 -6.65 -15.50 4.18
C HIS B 131 -6.03 -16.44 3.18
N ILE B 132 -4.73 -16.29 3.01
CA ILE B 132 -3.87 -17.15 2.15
C ILE B 132 -3.35 -18.23 3.08
N VAL B 133 -3.84 -19.45 2.91
CA VAL B 133 -3.55 -20.55 3.85
C VAL B 133 -2.41 -21.39 3.27
N SER B 134 -1.35 -21.60 4.03
CA SER B 134 -0.21 -22.44 3.62
C SER B 134 0.07 -23.51 4.66
N PHE B 135 0.67 -24.61 4.24
CA PHE B 135 1.18 -25.62 5.19
C PHE B 135 2.69 -25.56 5.19
N ARG B 136 3.22 -25.91 6.35
CA ARG B 136 4.67 -25.92 6.62
C ARG B 136 5.26 -27.19 5.97
N ARG B 137 5.44 -27.11 4.66
CA ARG B 137 6.05 -28.20 3.85
C ARG B 137 7.46 -28.54 4.32
N GLN B 138 8.20 -27.59 4.88
CA GLN B 138 9.48 -27.81 5.57
C GLN B 138 9.39 -29.05 6.48
N MET B 139 8.26 -29.26 7.17
CA MET B 139 8.11 -30.38 8.14
C MET B 139 7.14 -31.44 7.64
N TYR B 140 6.05 -31.04 6.98
CA TYR B 140 4.88 -31.91 6.68
C TYR B 140 4.75 -32.07 5.16
N SER B 141 4.60 -33.29 4.67
CA SER B 141 4.70 -33.59 3.22
C SER B 141 3.36 -33.24 2.56
N SER B 142 2.26 -33.16 3.30
CA SER B 142 0.96 -32.88 2.65
C SER B 142 0.13 -31.95 3.52
N PRO B 143 -0.84 -31.27 2.91
CA PRO B 143 -1.76 -30.45 3.66
C PRO B 143 -2.54 -31.30 4.67
N SER B 144 -3.00 -32.50 4.29
CA SER B 144 -3.92 -33.26 5.18
C SER B 144 -3.14 -33.66 6.45
N GLU B 145 -1.85 -33.92 6.31
CA GLU B 145 -0.89 -34.19 7.42
C GLU B 145 -0.75 -32.91 8.24
N ALA B 146 -0.65 -31.74 7.61
CA ALA B 146 -0.29 -30.48 8.33
C ALA B 146 -1.49 -29.88 9.08
N ILE B 147 -2.68 -29.94 8.50
CA ILE B 147 -3.81 -29.11 8.98
C ILE B 147 -4.16 -29.50 10.42
N GLY B 148 -3.94 -30.75 10.86
CA GLY B 148 -4.30 -31.18 12.24
C GLY B 148 -3.11 -31.22 13.18
N ARG B 149 -1.91 -30.91 12.70
CA ARG B 149 -0.69 -31.19 13.50
C ARG B 149 -0.10 -29.89 14.03
N PRO B 150 0.71 -29.96 15.11
CA PRO B 150 1.28 -28.78 15.73
C PRO B 150 2.14 -28.03 14.72
N GLY B 151 1.99 -26.72 14.70
CA GLY B 151 2.84 -25.86 13.88
C GLY B 151 2.63 -26.11 12.39
N GLY B 152 1.48 -26.67 12.00
CA GLY B 152 1.23 -27.12 10.63
C GLY B 152 1.07 -25.98 9.62
N LEU B 153 0.52 -24.84 10.05
CA LEU B 153 -0.06 -23.84 9.11
C LEU B 153 0.52 -22.46 9.34
N ALA B 154 0.54 -21.69 8.28
CA ALA B 154 0.89 -20.26 8.29
C ALA B 154 -0.16 -19.60 7.40
N VAL B 155 -0.80 -18.59 7.92
CA VAL B 155 -1.86 -17.87 7.17
C VAL B 155 -1.44 -16.41 7.09
N LEU B 156 -1.58 -15.83 5.91
CA LEU B 156 -1.42 -14.39 5.68
C LEU B 156 -2.83 -13.77 5.63
N GLY B 157 -3.02 -12.71 6.37
CA GLY B 157 -4.24 -11.90 6.34
C GLY B 157 -3.99 -10.66 5.52
N ILE B 158 -4.79 -10.47 4.50
CA ILE B 158 -4.71 -9.30 3.60
C ILE B 158 -5.98 -8.48 3.83
N MET B 159 -5.83 -7.28 4.37
CA MET B 159 -6.95 -6.34 4.49
C MET B 159 -7.18 -5.67 3.13
N HIS B 160 -8.45 -5.37 2.86
CA HIS B 160 -8.91 -4.67 1.64
C HIS B 160 -9.71 -3.45 2.08
N GLN B 161 -9.45 -2.31 1.46
CA GLN B 161 -10.24 -1.10 1.74
C GLN B 161 -10.81 -0.57 0.42
N ILE B 162 -12.00 0.00 0.55
CA ILE B 162 -12.78 0.51 -0.61
C ILE B 162 -12.33 1.92 -0.92
N VAL B 163 -12.03 2.17 -2.21
CA VAL B 163 -11.76 3.55 -2.72
C VAL B 163 -12.74 3.87 -3.87
N GLU B 164 -13.03 5.14 -4.06
CA GLU B 164 -14.02 5.58 -5.09
C GLU B 164 -13.28 5.80 -6.41
N SER B 165 -11.98 6.09 -6.38
CA SER B 165 -11.25 6.46 -7.62
C SER B 165 -10.04 5.55 -7.77
N ILE B 166 -10.08 4.63 -8.73
CA ILE B 166 -8.95 3.73 -9.01
C ILE B 166 -9.10 3.10 -10.39
N LYS B 167 -8.00 2.76 -11.07
CA LYS B 167 -8.05 1.94 -12.31
C LYS B 167 -8.20 0.49 -11.86
N TYR B 168 -9.07 -0.27 -12.54
CA TYR B 168 -9.17 -1.74 -12.34
C TYR B 168 -7.79 -2.37 -12.08
N GLU B 169 -6.79 -2.06 -12.92
CA GLU B 169 -5.46 -2.70 -12.91
C GLU B 169 -4.73 -2.49 -11.58
N GLN B 170 -5.12 -1.50 -10.78
CA GLN B 170 -4.45 -1.20 -9.48
C GLN B 170 -5.24 -1.73 -8.29
N THR B 171 -6.35 -2.41 -8.55
CA THR B 171 -7.17 -3.03 -7.49
C THR B 171 -6.67 -4.45 -7.24
N ALA B 172 -7.02 -4.99 -6.08
CA ALA B 172 -6.75 -6.39 -5.75
C ALA B 172 -7.41 -7.34 -6.78
N PHE B 173 -8.53 -6.96 -7.39
CA PHE B 173 -9.26 -7.85 -8.32
C PHE B 173 -8.46 -8.06 -9.60
N LYS B 174 -7.54 -7.17 -9.93
CA LYS B 174 -6.60 -7.42 -11.03
C LYS B 174 -5.77 -8.65 -10.67
N ALA B 175 -5.26 -8.72 -9.43
CA ALA B 175 -4.44 -9.89 -9.03
C ALA B 175 -5.29 -11.16 -9.00
N TYR B 176 -6.57 -11.05 -8.65
CA TYR B 176 -7.53 -12.17 -8.61
C TYR B 176 -8.04 -12.52 -10.03
N ASN B 177 -7.66 -11.73 -11.05
CA ASN B 177 -8.19 -11.81 -12.45
C ASN B 177 -9.73 -11.80 -12.39
N ASN B 178 -10.28 -11.01 -11.49
CA ASN B 178 -11.73 -10.80 -11.33
C ASN B 178 -12.40 -12.15 -11.00
N PHE B 179 -11.66 -13.15 -10.50
CA PHE B 179 -12.22 -14.50 -10.21
C PHE B 179 -12.90 -15.03 -11.48
N SER B 180 -12.39 -14.62 -12.65
CA SER B 180 -12.81 -15.06 -14.01
C SER B 180 -14.32 -14.89 -14.20
N GLY B 181 -14.91 -13.90 -13.52
CA GLY B 181 -16.33 -13.55 -13.64
C GLY B 181 -17.24 -14.52 -12.95
N VAL B 182 -16.71 -15.44 -12.15
CA VAL B 182 -17.47 -16.59 -11.59
C VAL B 182 -18.43 -16.11 -10.48
N LEU B 183 -18.16 -14.98 -9.83
CA LEU B 183 -18.95 -14.55 -8.65
C LEU B 183 -20.34 -14.01 -9.05
N ASN B 184 -21.41 -14.76 -8.79
CA ASN B 184 -22.83 -14.30 -9.01
C ASN B 184 -23.76 -15.09 -8.08
N SER B 185 -25.06 -14.76 -8.11
CA SER B 185 -26.13 -15.38 -7.28
C SER B 185 -26.27 -16.86 -7.59
N GLN B 186 -25.80 -17.31 -8.74
CA GLN B 186 -25.99 -18.72 -9.21
C GLN B 186 -24.83 -19.57 -8.69
N PHE B 187 -23.78 -18.94 -8.15
CA PHE B 187 -22.57 -19.66 -7.68
C PHE B 187 -22.91 -20.23 -6.30
N VAL B 188 -23.55 -21.40 -6.32
CA VAL B 188 -24.26 -21.92 -5.11
C VAL B 188 -23.38 -22.97 -4.47
N PRO B 189 -23.50 -23.14 -3.14
CA PRO B 189 -22.76 -24.19 -2.44
C PRO B 189 -23.30 -25.56 -2.82
N PRO B 190 -22.46 -26.61 -2.97
CA PRO B 190 -21.01 -26.52 -2.76
C PRO B 190 -20.25 -26.39 -4.10
N ASN B 191 -20.84 -25.72 -5.08
CA ASN B 191 -20.28 -25.70 -6.46
C ASN B 191 -18.87 -25.08 -6.45
N ASN B 192 -18.03 -25.62 -7.32
CA ASN B 192 -16.73 -25.04 -7.66
C ASN B 192 -16.73 -24.73 -9.15
N SER B 193 -15.89 -23.79 -9.55
CA SER B 193 -15.64 -23.41 -10.96
C SER B 193 -14.14 -23.23 -11.15
N THR B 194 -13.63 -23.72 -12.25
CA THR B 194 -12.25 -23.44 -12.72
CA THR B 194 -12.23 -23.44 -12.68
C THR B 194 -12.12 -21.93 -12.94
N ILE B 195 -10.99 -21.32 -12.57
CA ILE B 195 -10.78 -19.86 -12.79
C ILE B 195 -9.36 -19.69 -13.31
N ASP B 196 -9.08 -18.56 -13.95
CA ASP B 196 -7.68 -18.16 -14.29
C ASP B 196 -6.87 -18.09 -13.00
N ASP B 197 -5.56 -18.30 -13.08
CA ASP B 197 -4.71 -18.31 -11.86
C ASP B 197 -4.76 -16.93 -11.21
N ILE B 198 -4.61 -16.91 -9.89
CA ILE B 198 -4.46 -15.69 -9.04
C ILE B 198 -2.98 -15.33 -9.03
N ASN B 199 -2.66 -14.09 -9.39
CA ASN B 199 -1.27 -13.62 -9.31
C ASN B 199 -1.06 -13.12 -7.88
N LEU B 200 -0.70 -14.02 -6.99
CA LEU B 200 -0.50 -13.67 -5.55
C LEU B 200 0.73 -12.79 -5.38
N ALA B 201 1.71 -12.84 -6.29
CA ALA B 201 2.90 -11.94 -6.20
C ALA B 201 2.47 -10.50 -6.49
N LEU B 202 1.58 -10.31 -7.47
CA LEU B 202 1.01 -8.97 -7.75
C LEU B 202 0.25 -8.51 -6.50
N LEU B 203 -0.58 -9.40 -5.94
CA LEU B 203 -1.42 -9.02 -4.78
C LEU B 203 -0.51 -8.48 -3.68
N LEU B 204 0.57 -9.19 -3.40
CA LEU B 204 1.44 -8.79 -2.28
C LEU B 204 2.13 -7.47 -2.64
N SER B 205 2.36 -7.20 -3.91
CA SER B 205 3.07 -5.97 -4.35
C SER B 205 2.15 -4.76 -4.09
N LEU B 206 0.85 -4.98 -3.88
CA LEU B 206 -0.12 -3.87 -3.71
C LEU B 206 -0.10 -3.33 -2.29
N LEU B 207 0.62 -4.00 -1.40
CA LEU B 207 0.80 -3.50 -0.03
C LEU B 207 2.28 -3.56 0.32
N ASN B 208 2.60 -3.18 1.54
CA ASN B 208 3.99 -3.27 2.03
C ASN B 208 4.21 -4.60 2.74
N PRO B 209 4.97 -5.53 2.14
CA PRO B 209 5.09 -6.89 2.64
C PRO B 209 6.07 -7.00 3.82
N SER B 210 6.64 -5.88 4.27
CA SER B 210 7.56 -5.80 5.45
C SER B 210 6.80 -5.36 6.70
N ARG B 211 5.57 -4.86 6.56
CA ARG B 211 4.86 -4.18 7.64
C ARG B 211 3.66 -5.03 8.08
N TYR B 212 3.79 -5.71 9.22
CA TYR B 212 2.76 -6.72 9.55
C TYR B 212 2.76 -7.00 11.04
N PHE B 213 1.64 -7.54 11.48
CA PHE B 213 1.54 -8.19 12.81
C PHE B 213 1.83 -9.69 12.67
N ARG B 214 2.38 -10.27 13.73
CA ARG B 214 2.77 -11.68 13.77
C ARG B 214 2.40 -12.23 15.15
N TYR B 215 1.71 -13.38 15.19
CA TYR B 215 1.44 -14.07 16.45
C TYR B 215 1.03 -15.50 16.14
N LEU B 216 1.03 -16.31 17.21
CA LEU B 216 0.61 -17.73 17.18
C LEU B 216 -0.86 -17.78 17.56
N GLY B 217 -1.68 -18.34 16.68
CA GLY B 217 -3.14 -18.42 16.89
C GLY B 217 -3.73 -19.66 16.29
N SER B 218 -4.90 -19.49 15.73
CA SER B 218 -5.80 -20.61 15.40
C SER B 218 -6.46 -20.39 14.05
N LEU B 219 -7.04 -21.46 13.54
CA LEU B 219 -8.04 -21.36 12.48
C LEU B 219 -9.22 -20.56 13.05
N THR B 220 -9.91 -19.82 12.20
CA THR B 220 -10.97 -18.91 12.64
C THR B 220 -12.33 -19.56 12.38
N THR B 221 -12.34 -20.76 11.84
CA THR B 221 -13.56 -21.61 11.78
C THR B 221 -13.30 -22.93 12.51
N PRO B 222 -14.36 -23.66 12.90
CA PRO B 222 -14.20 -24.92 13.62
C PRO B 222 -13.37 -25.88 12.79
N PRO B 223 -12.47 -26.68 13.37
CA PRO B 223 -12.32 -26.79 14.84
C PRO B 223 -11.32 -25.83 15.52
N CYS B 224 -11.02 -24.71 14.89
CA CYS B 224 -10.25 -23.60 15.54
C CYS B 224 -8.89 -24.09 16.01
N THR B 225 -8.27 -24.95 15.21
CA THR B 225 -7.02 -25.62 15.59
C THR B 225 -5.95 -24.57 15.95
N GLU B 226 -5.30 -24.70 17.10
CA GLU B 226 -4.24 -23.73 17.55
C GLU B 226 -2.91 -24.17 16.94
N ASN B 227 -2.78 -24.11 15.62
CA ASN B 227 -1.51 -24.47 14.95
C ASN B 227 -1.21 -23.46 13.84
N VAL B 228 -1.70 -22.22 13.96
CA VAL B 228 -1.51 -21.21 12.87
C VAL B 228 -0.45 -20.19 13.26
N LEU B 229 0.58 -20.07 12.45
CA LEU B 229 1.46 -18.88 12.46
C LEU B 229 0.78 -17.76 11.67
N TRP B 230 0.36 -16.70 12.33
CA TRP B 230 -0.42 -15.60 11.71
C TRP B 230 0.55 -14.50 11.28
N THR B 231 0.26 -13.94 10.13
CA THR B 231 0.90 -12.71 9.59
C THR B 231 -0.26 -11.87 9.04
N VAL B 232 -0.50 -10.69 9.58
CA VAL B 232 -1.57 -9.79 9.10
C VAL B 232 -0.89 -8.47 8.66
N PHE B 233 -0.95 -8.19 7.37
CA PHE B 233 -0.35 -6.97 6.82
C PHE B 233 -1.14 -5.77 7.30
N ILE B 234 -0.42 -4.74 7.69
CA ILE B 234 -1.06 -3.52 8.26
C ILE B 234 -1.65 -2.65 7.14
N ASP B 235 -1.01 -2.55 5.98
CA ASP B 235 -1.50 -1.73 4.86
C ASP B 235 -2.53 -2.53 4.07
N PRO B 236 -3.73 -1.95 3.78
CA PRO B 236 -4.70 -2.65 2.95
C PRO B 236 -4.37 -2.55 1.46
N VAL B 237 -4.83 -3.54 0.71
CA VAL B 237 -4.94 -3.45 -0.78
C VAL B 237 -6.28 -2.76 -1.06
N LEU B 238 -6.48 -2.31 -2.29
CA LEU B 238 -7.62 -1.42 -2.60
C LEU B 238 -8.60 -2.14 -3.52
N ILE B 239 -9.90 -1.93 -3.26
CA ILE B 239 -10.98 -2.48 -4.07
C ILE B 239 -12.03 -1.40 -4.26
N THR B 240 -12.97 -1.67 -5.13
CA THR B 240 -14.11 -0.76 -5.32
C THR B 240 -15.34 -1.35 -4.66
N ARG B 241 -16.36 -0.50 -4.52
CA ARG B 241 -17.69 -0.85 -3.96
C ARG B 241 -18.32 -1.90 -4.87
N GLU B 242 -18.14 -1.78 -6.18
CA GLU B 242 -18.66 -2.78 -7.13
C GLU B 242 -18.00 -4.13 -6.83
N GLN B 243 -16.72 -4.15 -6.47
CA GLN B 243 -15.99 -5.43 -6.30
C GLN B 243 -16.46 -6.09 -4.99
N ILE B 244 -16.64 -5.34 -3.90
CA ILE B 244 -17.10 -5.94 -2.60
C ILE B 244 -18.50 -6.52 -2.86
N ASN B 245 -19.31 -5.85 -3.67
CA ASN B 245 -20.71 -6.26 -3.94
C ASN B 245 -20.74 -7.58 -4.71
N LEU B 246 -19.69 -7.93 -5.46
CA LEU B 246 -19.66 -9.21 -6.18
C LEU B 246 -19.65 -10.35 -5.16
N PHE B 247 -18.95 -10.20 -4.03
CA PHE B 247 -18.97 -11.20 -2.93
C PHE B 247 -20.39 -11.33 -2.32
N ARG B 248 -21.05 -10.20 -2.07
CA ARG B 248 -22.37 -10.15 -1.39
C ARG B 248 -23.49 -10.77 -2.23
N ASN B 249 -23.28 -11.06 -3.51
CA ASN B 249 -24.31 -11.77 -4.31
C ASN B 249 -24.25 -13.27 -4.00
N LEU B 250 -23.15 -13.77 -3.45
CA LEU B 250 -23.08 -15.21 -3.15
C LEU B 250 -24.17 -15.53 -2.13
N PRO B 251 -24.82 -16.70 -2.28
CA PRO B 251 -25.74 -17.24 -1.27
C PRO B 251 -25.01 -18.05 -0.19
N TYR B 252 -25.44 -17.87 1.04
CA TYR B 252 -25.07 -18.75 2.16
C TYR B 252 -25.61 -20.17 1.92
N GLY B 253 -24.94 -21.18 2.50
CA GLY B 253 -25.42 -22.56 2.62
C GLY B 253 -26.70 -22.62 3.44
N SER B 254 -27.43 -23.75 3.42
CA SER B 254 -28.82 -23.81 3.96
C SER B 254 -28.84 -23.81 5.49
N ASN B 255 -27.73 -24.15 6.14
CA ASN B 255 -27.70 -24.16 7.63
C ASN B 255 -27.54 -22.74 8.17
N GLU B 256 -27.38 -21.74 7.31
CA GLU B 256 -27.35 -20.32 7.73
C GLU B 256 -28.75 -19.74 7.78
N LYS B 257 -29.00 -18.76 8.65
CA LYS B 257 -30.27 -18.01 8.73
C LYS B 257 -30.29 -16.95 7.62
N GLN B 258 -29.23 -16.16 7.51
CA GLN B 258 -29.14 -15.11 6.47
C GLN B 258 -29.07 -15.78 5.07
N THR B 259 -29.74 -15.20 4.07
CA THR B 259 -29.78 -15.76 2.70
C THR B 259 -28.46 -15.46 1.98
N ARG B 260 -28.08 -14.18 1.92
CA ARG B 260 -26.90 -13.72 1.17
C ARG B 260 -25.66 -13.82 2.08
N MET B 261 -24.59 -14.36 1.53
CA MET B 261 -23.31 -14.51 2.25
C MET B 261 -22.78 -13.13 2.63
N GLY B 262 -22.58 -12.95 3.91
CA GLY B 262 -22.13 -11.69 4.50
C GLY B 262 -22.00 -11.90 5.98
N ASP B 263 -21.16 -11.09 6.63
CA ASP B 263 -20.89 -11.15 8.08
C ASP B 263 -20.37 -12.56 8.39
N ASN B 264 -19.54 -13.10 7.49
CA ASN B 264 -18.89 -14.42 7.61
C ASN B 264 -17.53 -14.24 8.30
N PHE B 265 -17.54 -13.64 9.47
CA PHE B 265 -16.33 -13.45 10.30
C PHE B 265 -16.60 -13.87 11.73
N ARG B 266 -15.58 -14.39 12.40
CA ARG B 266 -15.67 -14.82 13.81
C ARG B 266 -15.48 -13.57 14.66
N PRO B 267 -16.16 -13.50 15.82
CA PRO B 267 -15.93 -12.45 16.79
C PRO B 267 -14.50 -12.44 17.31
N ILE B 268 -14.05 -11.26 17.73
CA ILE B 268 -12.70 -11.02 18.28
C ILE B 268 -12.49 -11.89 19.52
N GLN B 269 -11.32 -12.49 19.61
CA GLN B 269 -10.84 -13.34 20.73
C GLN B 269 -9.82 -12.50 21.49
N LEU B 270 -9.65 -12.75 22.78
CA LEU B 270 -8.55 -12.12 23.56
C LEU B 270 -7.21 -12.74 23.19
N LEU B 271 -6.17 -11.91 23.19
CA LEU B 271 -4.79 -12.44 23.10
C LEU B 271 -4.53 -13.43 24.26
N ASN B 272 -4.94 -13.06 25.47
CA ASN B 272 -4.65 -13.89 26.68
C ASN B 272 -5.88 -13.96 27.56
N PRO B 273 -6.80 -14.88 27.25
CA PRO B 273 -7.89 -15.16 28.16
C PRO B 273 -7.33 -15.48 29.54
N ILE B 274 -8.20 -15.40 30.53
CA ILE B 274 -7.78 -15.48 31.96
C ILE B 274 -7.27 -16.90 32.30
N ASP B 275 -7.64 -17.92 31.54
CA ASP B 275 -7.27 -19.31 31.86
C ASP B 275 -5.97 -19.74 31.16
N THR B 276 -5.28 -18.85 30.48
CA THR B 276 -4.04 -19.20 29.77
C THR B 276 -3.02 -19.71 30.78
N LEU B 277 -2.22 -20.68 30.37
CA LEU B 277 -1.14 -21.24 31.20
C LEU B 277 0.22 -20.78 30.65
N ALA B 278 0.24 -20.04 29.54
CA ALA B 278 1.49 -19.44 29.04
C ALA B 278 1.10 -18.33 28.05
N SER B 279 1.27 -17.09 28.45
CA SER B 279 0.84 -15.92 27.65
C SER B 279 1.53 -15.93 26.30
N ARG B 280 0.81 -15.53 25.26
CA ARG B 280 1.43 -15.26 23.95
C ARG B 280 1.57 -13.74 23.82
N THR B 281 2.49 -13.39 22.95
CA THR B 281 2.84 -11.99 22.67
C THR B 281 2.49 -11.69 21.21
N LEU B 282 1.98 -10.51 20.98
CA LEU B 282 1.72 -10.01 19.61
C LEU B 282 3.01 -9.28 19.20
N TYR B 283 3.54 -9.66 18.05
CA TYR B 283 4.73 -9.03 17.46
C TYR B 283 4.33 -8.16 16.28
N ARG B 284 5.25 -7.27 15.91
CA ARG B 284 5.03 -6.52 14.67
C ARG B 284 6.37 -6.33 14.01
N ALA B 285 6.30 -6.19 12.68
CA ALA B 285 7.48 -6.16 11.82
C ALA B 285 7.45 -4.83 11.08
N THR B 286 8.61 -4.28 10.78
CA THR B 286 8.67 -3.15 9.82
C THR B 286 10.02 -3.20 9.08
N ALA B 287 10.16 -2.33 8.10
CA ALA B 287 11.26 -2.44 7.11
C ALA B 287 12.56 -2.04 7.79
N ARG B 288 13.63 -2.78 7.43
CA ARG B 288 15.05 -2.32 7.49
C ARG B 288 15.07 -0.86 7.02
N GLY B 289 14.95 0.10 7.98
CA GLY B 289 14.83 1.56 7.78
C GLY B 289 14.99 2.33 9.10
ZN ZN C . 7.15 18.95 -6.87
C1 NAG D . -4.35 15.18 13.83
C2 NAG D . -4.22 15.01 15.33
C3 NAG D . -5.16 13.88 15.75
C4 NAG D . -6.63 14.19 15.45
C5 NAG D . -6.75 14.51 13.93
C6 NAG D . -8.14 15.03 13.48
C7 NAG D . -1.91 15.44 16.11
C8 NAG D . -0.59 14.81 16.39
N2 NAG D . -2.87 14.63 15.71
O3 NAG D . -4.91 13.56 17.12
O4 NAG D . -7.49 13.09 15.91
O5 NAG D . -5.71 15.43 13.43
O6 NAG D . -8.53 16.34 13.97
O7 NAG D . -2.09 16.63 16.22
C1 NAG E . 23.91 13.86 12.39
C2 NAG E . 24.99 14.22 11.34
C3 NAG E . 26.23 14.78 12.07
C4 NAG E . 25.84 15.97 12.96
C5 NAG E . 24.74 15.47 13.92
C6 NAG E . 24.38 16.57 14.92
C7 NAG E . 25.35 13.15 9.07
C8 NAG E . 25.74 11.86 8.40
N2 NAG E . 25.36 13.09 10.44
O3 NAG E . 27.16 15.20 11.05
O4 NAG E . 27.01 16.60 13.57
O5 NAG E . 23.55 15.00 13.18
O6 NAG E . 23.27 17.33 14.46
O7 NAG E . 25.05 14.14 8.38
C1 GOL F . -2.51 1.54 -0.50
O1 GOL F . -1.99 1.46 -1.84
C2 GOL F . -1.94 0.52 0.44
O2 GOL F . -2.51 0.78 1.73
C3 GOL F . -0.44 0.40 0.56
O3 GOL F . 0.21 -0.07 -0.62
C1 WWZ G . 10.97 20.41 -7.55
N1 WWZ G . 8.35 19.87 -8.03
O1 WWZ G . 9.80 18.17 -7.09
S1 WWZ G . 9.81 19.19 -8.08
C2 WWZ G . 11.92 20.09 -6.60
O2 WWZ G . 10.08 18.83 -9.40
C3 WWZ G . 12.76 21.08 -6.09
C4 WWZ G . 12.65 22.37 -6.54
C5 WWZ G . 11.72 22.69 -7.53
C6 WWZ G . 10.86 21.72 -8.02
N7 WWZ G . 13.49 23.41 -6.03
C8 WWZ G . 14.39 23.34 -5.02
O8 WWZ G . 14.53 22.35 -4.30
N9 WWZ G . 15.04 24.51 -4.85
C10 WWZ G . 16.20 24.74 -4.06
C11 WWZ G . 16.78 26.00 -4.00
C12 WWZ G . 17.92 26.22 -3.24
C13 WWZ G . 18.44 25.16 -2.53
F13 WWZ G . 19.58 25.36 -1.80
C14 WWZ G . 17.89 23.90 -2.56
C15 WWZ G . 16.76 23.68 -3.34
ZN ZN H . -10.18 -17.43 7.00
C1 NAG I . -15.83 -9.09 -12.97
C2 NAG I . -16.14 -8.24 -14.21
C3 NAG I . -17.57 -7.74 -14.15
C4 NAG I . -18.61 -8.88 -13.95
C5 NAG I . -18.15 -9.71 -12.69
C6 NAG I . -19.01 -10.91 -12.30
C7 NAG I . -14.13 -7.13 -15.16
C8 NAG I . -13.34 -5.86 -15.25
N2 NAG I . -15.21 -7.12 -14.37
O3 NAG I . -17.70 -7.06 -15.39
O4 NAG I . -20.01 -8.45 -13.87
O5 NAG I . -16.79 -10.18 -12.82
O6 NAG I . -18.49 -11.57 -11.12
O7 NAG I . -13.74 -8.13 -15.77
C1 NAG J . 7.19 -27.56 -9.78
C2 NAG J . 7.35 -28.61 -8.69
C3 NAG J . 7.75 -29.95 -9.33
C4 NAG J . 6.65 -30.42 -10.29
C5 NAG J . 6.15 -29.32 -11.26
C6 NAG J . 4.63 -29.33 -11.44
C7 NAG J . 7.94 -27.92 -6.36
C8 NAG J . 9.05 -27.29 -5.60
N2 NAG J . 8.26 -28.10 -7.67
O3 NAG J . 7.86 -30.88 -8.28
O4 NAG J . 7.08 -31.66 -10.92
O5 NAG J . 6.30 -27.94 -10.84
O6 NAG J . 4.40 -30.44 -12.22
O7 NAG J . 6.84 -28.22 -5.84
C1 NAG K . -15.98 -29.26 -9.04
C2 NAG K . -15.88 -30.56 -8.23
C3 NAG K . -15.76 -31.73 -9.24
C4 NAG K . -17.06 -31.80 -10.07
C5 NAG K . -17.10 -30.49 -10.90
C6 NAG K . -18.22 -30.35 -11.97
C7 NAG K . -14.99 -30.58 -5.90
C8 NAG K . -16.35 -30.73 -5.23
N2 NAG K . -14.81 -30.46 -7.24
O3 NAG K . -15.49 -32.98 -8.59
O4 NAG K . -17.20 -33.05 -10.80
O5 NAG K . -17.09 -29.36 -9.97
O6 NAG K . -19.55 -30.19 -11.45
O7 NAG K . -14.01 -30.60 -5.19
C1 WWZ L . -8.93 -21.16 8.04
N1 WWZ L . -10.25 -18.75 8.17
O1 WWZ L . -7.90 -18.87 7.51
S1 WWZ L . -8.82 -19.43 8.45
C2 WWZ L . -7.99 -21.71 7.19
O2 WWZ L . -8.55 -19.31 9.81
C3 WWZ L . -8.10 -23.05 6.82
C4 WWZ L . -9.14 -23.83 7.30
C5 WWZ L . -10.04 -23.28 8.19
C6 WWZ L . -9.95 -21.94 8.56
N7 WWZ L . -9.24 -25.19 6.89
C8 WWZ L . -8.45 -25.85 5.99
O8 WWZ L . -7.55 -25.31 5.35
N9 WWZ L . -8.81 -27.16 5.83
C10 WWZ L . -8.20 -28.20 5.07
C11 WWZ L . -7.08 -27.97 4.28
C12 WWZ L . -6.47 -29.01 3.61
C13 WWZ L . -6.99 -30.27 3.73
F13 WWZ L . -6.31 -31.32 3.19
C14 WWZ L . -8.12 -30.53 4.47
C15 WWZ L . -8.73 -29.49 5.16
#